data_5DGN
#
_entry.id   5DGN
#
_cell.length_a   110.462
_cell.length_b   110.462
_cell.length_c   76.371
_cell.angle_alpha   90.000
_cell.angle_beta   90.000
_cell.angle_gamma   90.000
#
_symmetry.space_group_name_H-M   'P 41 21 2'
#
loop_
_entity.id
_entity.type
_entity.pdbx_description
1 polymer 'Farnesyl pyrophosphate synthase'
2 non-polymer '8-(naphthalen-1-yl)quinoline-2-carboxylic acid'
3 water water
#
_entity_poly.entity_id   1
_entity_poly.type   'polypeptide(L)'
_entity_poly.pdbx_seq_one_letter_code
;GPNSDVYAQEKQDFVQHFSQIVRVLTEDEMGHPEIGDAIARLKEVLEYNAIGGKYNRGLTVVVAFRELVEPRKQDADSLQ
RAWTVGWCVELLQAFFLVADDIMDSSLTRRGQICWYQKPGVGLDAINDANLLEACIYRLLKLYCREQPYYLNLIELFLQS
SYQTEIGQTLDLLTAPQGNVDLVRFTEKRYKSIVKYKTAFYSFYLPIAAAMYMAGIDGEKEHANAKKILLEMGEFFQIQD
DYLDLFGDPSVTGKIGTDIQDNKCSWLVVQCLQRATPEQYQILKENYGQKEAEKVARVKALYEELDLPAVFLQYEEDSYS
HIMALIEQYAAPLPPAVFLGLARKIYKRRK
;
_entity_poly.pdbx_strand_id   F
#
loop_
_chem_comp.id
_chem_comp.type
_chem_comp.name
_chem_comp.formula
59Y non-polymer '8-(naphthalen-1-yl)quinoline-2-carboxylic acid' 'C20 H13 N O2'
#
# COMPACT_ATOMS: atom_id res chain seq x y z
N ASP A 5 -15.54 15.83 2.20
CA ASP A 5 -15.54 14.38 1.99
C ASP A 5 -15.13 13.56 3.23
N VAL A 6 -15.69 12.32 3.34
CA VAL A 6 -15.52 11.30 4.40
C VAL A 6 -14.11 11.21 5.00
N TYR A 7 -13.08 11.35 4.13
CA TYR A 7 -11.66 11.30 4.47
C TYR A 7 -11.11 12.60 5.06
N ALA A 8 -11.14 13.71 4.28
CA ALA A 8 -10.56 15.02 4.63
C ALA A 8 -10.92 15.55 6.02
N GLN A 9 -12.15 15.24 6.47
CA GLN A 9 -12.64 15.61 7.79
C GLN A 9 -11.96 14.75 8.86
N GLU A 10 -12.12 13.42 8.71
CA GLU A 10 -11.64 12.38 9.59
C GLU A 10 -10.13 12.36 9.73
N LYS A 11 -9.38 12.81 8.69
CA LYS A 11 -7.92 12.84 8.66
C LYS A 11 -7.32 13.42 9.94
N GLN A 12 -7.86 14.57 10.38
CA GLN A 12 -7.48 15.30 11.58
C GLN A 12 -7.65 14.44 12.84
N ASP A 13 -8.86 13.85 13.06
CA ASP A 13 -9.16 12.98 14.22
C ASP A 13 -8.29 11.74 14.20
N PHE A 14 -7.97 11.24 12.99
CA PHE A 14 -7.12 10.07 12.76
C PHE A 14 -5.70 10.38 13.19
N VAL A 15 -5.08 11.42 12.60
CA VAL A 15 -3.71 11.90 12.90
C VAL A 15 -3.55 12.28 14.40
N GLN A 16 -4.56 12.92 14.99
CA GLN A 16 -4.54 13.28 16.41
C GLN A 16 -4.48 12.03 17.30
N HIS A 17 -5.03 10.89 16.82
CA HIS A 17 -5.05 9.64 17.60
C HIS A 17 -3.64 9.05 17.75
N PHE A 18 -2.74 9.32 16.77
CA PHE A 18 -1.35 8.88 16.76
C PHE A 18 -0.64 9.11 18.09
N SER A 19 -0.78 10.31 18.67
CA SER A 19 -0.18 10.68 19.95
C SER A 19 -0.58 9.67 21.06
N GLN A 20 -1.86 9.22 21.08
CA GLN A 20 -2.34 8.21 22.03
C GLN A 20 -1.73 6.82 21.73
N ILE A 21 -1.68 6.46 20.42
CA ILE A 21 -1.07 5.21 19.91
C ILE A 21 0.37 5.13 20.43
N VAL A 22 1.16 6.22 20.26
CA VAL A 22 2.56 6.30 20.69
C VAL A 22 2.71 6.21 22.19
N ARG A 23 1.88 6.96 22.94
CA ARG A 23 1.85 6.98 24.40
C ARG A 23 1.61 5.55 24.92
N VAL A 24 0.60 4.87 24.33
CA VAL A 24 0.15 3.52 24.69
C VAL A 24 1.24 2.48 24.40
N LEU A 25 1.97 2.62 23.27
CA LEU A 25 3.05 1.71 22.91
C LEU A 25 4.32 1.97 23.71
N THR A 26 4.43 3.17 24.29
CA THR A 26 5.58 3.53 25.11
C THR A 26 5.23 3.45 26.61
N GLU A 27 4.02 2.95 26.92
CA GLU A 27 3.52 2.84 28.30
C GLU A 27 3.95 1.62 29.10
N ASP A 28 4.56 0.60 28.44
CA ASP A 28 5.09 -0.61 29.12
C ASP A 28 6.48 -0.33 29.76
N GLU A 29 7.04 0.86 29.48
CA GLU A 29 8.29 1.42 30.02
C GLU A 29 8.08 1.69 31.53
N MET A 30 6.83 2.04 31.91
CA MET A 30 6.42 2.32 33.28
C MET A 30 6.71 1.12 34.20
N GLY A 31 6.19 -0.06 33.83
CA GLY A 31 6.38 -1.30 34.58
C GLY A 31 7.76 -1.89 34.43
N HIS A 32 8.41 -1.66 33.26
CA HIS A 32 9.75 -2.17 32.95
C HIS A 32 10.74 -1.04 32.57
N PRO A 33 11.31 -0.32 33.59
CA PRO A 33 12.27 0.76 33.29
C PRO A 33 13.51 0.29 32.53
N GLU A 34 13.94 -0.96 32.77
CA GLU A 34 15.06 -1.67 32.15
C GLU A 34 15.13 -1.49 30.62
N ILE A 35 13.96 -1.55 29.93
CA ILE A 35 13.83 -1.42 28.47
C ILE A 35 13.53 0.02 28.00
N GLY A 36 13.62 0.98 28.91
CA GLY A 36 13.35 2.38 28.62
C GLY A 36 14.01 2.93 27.37
N ASP A 37 15.35 2.72 27.24
CA ASP A 37 16.15 3.20 26.11
C ASP A 37 15.68 2.57 24.79
N ALA A 38 15.24 1.29 24.83
CA ALA A 38 14.70 0.57 23.67
C ALA A 38 13.34 1.17 23.30
N ILE A 39 12.55 1.55 24.33
CA ILE A 39 11.24 2.14 24.13
C ILE A 39 11.39 3.57 23.54
N ALA A 40 12.43 4.30 23.99
CA ALA A 40 12.72 5.63 23.45
C ALA A 40 13.04 5.50 21.95
N ARG A 41 13.84 4.48 21.55
CA ARG A 41 14.16 4.20 20.14
C ARG A 41 12.85 3.82 19.38
N LEU A 42 11.99 2.98 19.99
CA LEU A 42 10.70 2.62 19.38
C LEU A 42 9.86 3.87 19.09
N LYS A 43 9.74 4.79 20.07
CA LYS A 43 9.03 6.05 19.92
C LYS A 43 9.56 6.84 18.70
N GLU A 44 10.89 6.94 18.58
CA GLU A 44 11.57 7.64 17.49
C GLU A 44 11.27 6.92 16.14
N VAL A 45 11.28 5.58 16.09
CA VAL A 45 10.97 4.79 14.87
C VAL A 45 9.53 5.05 14.38
N LEU A 46 8.61 5.06 15.34
CA LEU A 46 7.19 5.33 15.11
C LEU A 46 7.00 6.75 14.55
N GLU A 47 7.54 7.76 15.27
CA GLU A 47 7.42 9.16 14.89
C GLU A 47 8.01 9.45 13.55
N TYR A 48 9.17 8.84 13.23
CA TYR A 48 9.80 9.09 11.94
C TYR A 48 9.06 8.41 10.78
N ASN A 49 8.68 7.14 10.97
CA ASN A 49 8.15 6.30 9.91
C ASN A 49 6.65 6.16 9.69
N ALA A 50 5.83 6.32 10.75
CA ALA A 50 4.38 6.19 10.61
C ALA A 50 3.72 7.53 10.21
N ILE A 51 4.47 8.65 10.30
CA ILE A 51 4.00 10.00 9.97
C ILE A 51 4.63 10.50 8.68
N GLY A 52 3.90 11.36 7.96
CA GLY A 52 4.41 12.00 6.76
C GLY A 52 3.82 11.50 5.46
N GLY A 53 3.05 10.42 5.53
CA GLY A 53 2.34 9.86 4.38
C GLY A 53 0.97 10.48 4.26
N LYS A 54 0.09 9.89 3.45
CA LYS A 54 -1.26 10.47 3.27
C LYS A 54 -2.34 9.85 4.19
N TYR A 55 -2.01 8.73 4.89
CA TYR A 55 -2.88 8.01 5.83
C TYR A 55 -4.15 7.45 5.26
N ASN A 56 -4.24 7.33 3.93
CA ASN A 56 -5.44 6.87 3.25
C ASN A 56 -5.89 5.46 3.56
N ARG A 57 -4.94 4.56 3.67
CA ARG A 57 -5.19 3.16 4.03
C ARG A 57 -5.75 3.03 5.43
N GLY A 58 -5.10 3.67 6.40
CA GLY A 58 -5.58 3.72 7.78
C GLY A 58 -6.93 4.40 7.88
N LEU A 59 -7.10 5.49 7.10
CA LEU A 59 -8.34 6.24 7.05
C LEU A 59 -9.44 5.40 6.46
N THR A 60 -9.14 4.52 5.47
CA THR A 60 -10.18 3.67 4.85
C THR A 60 -10.85 2.79 5.90
N VAL A 61 -10.05 2.32 6.90
CA VAL A 61 -10.58 1.50 8.01
C VAL A 61 -11.68 2.30 8.72
N VAL A 62 -11.39 3.59 9.04
CA VAL A 62 -12.27 4.45 9.82
C VAL A 62 -13.54 4.80 9.04
N VAL A 63 -13.36 5.22 7.77
CA VAL A 63 -14.45 5.59 6.87
C VAL A 63 -15.35 4.35 6.70
N ALA A 64 -14.77 3.17 6.35
CA ALA A 64 -15.58 1.94 6.19
C ALA A 64 -16.26 1.56 7.48
N PHE A 65 -15.59 1.77 8.64
CA PHE A 65 -16.22 1.44 9.93
C PHE A 65 -17.50 2.24 10.16
N ARG A 66 -17.47 3.54 9.87
CA ARG A 66 -18.60 4.43 10.05
C ARG A 66 -19.74 4.01 9.14
N GLU A 67 -19.42 3.51 7.94
CA GLU A 67 -20.41 3.12 6.94
C GLU A 67 -20.96 1.70 7.12
N LEU A 68 -20.30 0.87 7.95
CA LEU A 68 -20.69 -0.53 8.16
C LEU A 68 -21.28 -0.79 9.55
N VAL A 69 -21.10 0.15 10.47
CA VAL A 69 -21.59 0.06 11.84
C VAL A 69 -22.72 1.05 12.06
N GLU A 70 -23.85 0.58 12.64
CA GLU A 70 -25.03 1.39 12.96
C GLU A 70 -24.63 2.53 13.90
N PRO A 71 -25.04 3.79 13.63
CA PRO A 71 -24.58 4.91 14.49
C PRO A 71 -24.69 4.76 16.02
N ARG A 72 -25.58 3.87 16.49
CA ARG A 72 -25.79 3.62 17.92
C ARG A 72 -24.72 2.70 18.52
N LYS A 73 -23.97 1.99 17.66
CA LYS A 73 -22.88 1.12 18.06
C LYS A 73 -21.53 1.81 17.81
N GLN A 74 -21.59 3.10 17.40
CA GLN A 74 -20.41 3.92 17.14
C GLN A 74 -20.10 4.79 18.39
N ASP A 75 -20.04 4.15 19.57
CA ASP A 75 -19.71 4.81 20.84
C ASP A 75 -18.19 5.18 20.88
N ALA A 76 -17.78 5.99 21.88
CA ALA A 76 -16.40 6.48 22.05
C ALA A 76 -15.34 5.40 21.92
N ASP A 77 -15.54 4.25 22.59
CA ASP A 77 -14.63 3.10 22.59
C ASP A 77 -14.55 2.36 21.24
N SER A 78 -15.71 2.14 20.56
CA SER A 78 -15.77 1.49 19.24
C SER A 78 -14.90 2.27 18.25
N LEU A 79 -14.99 3.60 18.33
CA LEU A 79 -14.25 4.59 17.54
C LEU A 79 -12.77 4.63 17.84
N GLN A 80 -12.38 4.56 19.15
CA GLN A 80 -10.96 4.50 19.56
C GLN A 80 -10.35 3.27 18.88
N ARG A 81 -11.10 2.14 18.85
CA ARG A 81 -10.71 0.88 18.22
C ARG A 81 -10.57 1.01 16.70
N ALA A 82 -11.51 1.71 16.03
CA ALA A 82 -11.46 1.97 14.58
C ALA A 82 -10.17 2.73 14.20
N TRP A 83 -9.84 3.83 14.93
CA TRP A 83 -8.64 4.65 14.71
C TRP A 83 -7.40 3.78 14.97
N THR A 84 -7.42 3.01 16.08
CA THR A 84 -6.29 2.12 16.41
C THR A 84 -6.04 1.13 15.27
N VAL A 85 -7.08 0.45 14.79
CA VAL A 85 -6.96 -0.53 13.71
C VAL A 85 -6.44 0.13 12.44
N GLY A 86 -6.93 1.35 12.16
CA GLY A 86 -6.46 2.18 11.05
C GLY A 86 -4.97 2.44 11.17
N TRP A 87 -4.53 2.77 12.38
CA TRP A 87 -3.12 2.98 12.68
C TRP A 87 -2.30 1.73 12.52
N CYS A 88 -2.89 0.55 12.83
CA CYS A 88 -2.27 -0.74 12.60
C CYS A 88 -1.99 -0.94 11.12
N VAL A 89 -2.95 -0.58 10.23
CA VAL A 89 -2.72 -0.69 8.79
C VAL A 89 -1.51 0.19 8.39
N GLU A 90 -1.45 1.40 8.93
CA GLU A 90 -0.36 2.35 8.67
C GLU A 90 0.95 1.77 9.22
N LEU A 91 0.92 1.14 10.42
CA LEU A 91 2.14 0.50 10.98
C LEU A 91 2.61 -0.69 10.13
N LEU A 92 1.66 -1.48 9.59
CA LEU A 92 2.01 -2.58 8.66
C LEU A 92 2.73 -1.95 7.47
N GLN A 93 2.16 -0.89 6.95
CA GLN A 93 2.73 -0.18 5.82
C GLN A 93 4.12 0.39 6.17
N ALA A 94 4.26 0.99 7.37
CA ALA A 94 5.53 1.61 7.77
C ALA A 94 6.58 0.55 7.86
N PHE A 95 6.19 -0.69 8.30
CA PHE A 95 7.12 -1.80 8.43
C PHE A 95 7.61 -2.25 7.05
N PHE A 96 6.71 -2.39 6.06
CA PHE A 96 7.10 -2.79 4.69
C PHE A 96 8.02 -1.75 4.03
N LEU A 97 7.70 -0.45 4.18
CA LEU A 97 8.46 0.60 3.52
C LEU A 97 9.84 0.77 4.11
N VAL A 98 9.96 0.62 5.44
CA VAL A 98 11.28 0.71 6.07
C VAL A 98 12.15 -0.42 5.47
N ALA A 99 11.62 -1.64 5.44
CA ALA A 99 12.27 -2.84 4.91
C ALA A 99 12.53 -2.71 3.40
N ASP A 100 11.54 -2.31 2.60
CA ASP A 100 11.70 -2.11 1.14
C ASP A 100 12.70 -1.07 0.77
N ASP A 101 12.78 0.04 1.54
CA ASP A 101 13.78 1.07 1.23
C ASP A 101 15.16 0.56 1.50
N ILE A 102 15.34 -0.35 2.47
CA ILE A 102 16.66 -0.94 2.70
C ILE A 102 16.98 -1.82 1.51
N MET A 103 16.04 -2.71 1.19
CA MET A 103 16.24 -3.67 0.11
C MET A 103 16.51 -3.11 -1.27
N ASP A 104 15.88 -2.01 -1.63
CA ASP A 104 16.14 -1.48 -2.98
C ASP A 104 17.12 -0.32 -3.02
N SER A 105 17.83 -0.12 -1.89
CA SER A 105 18.82 0.94 -1.66
C SER A 105 18.19 2.30 -1.93
N SER A 106 17.00 2.57 -1.35
CA SER A 106 16.38 3.86 -1.59
C SER A 106 17.09 4.99 -0.84
N LEU A 107 17.06 6.19 -1.39
CA LEU A 107 17.70 7.31 -0.70
C LEU A 107 16.63 8.10 0.05
N THR A 108 15.52 8.34 -0.62
CA THR A 108 14.46 9.12 0.01
C THR A 108 13.11 8.49 -0.09
N ARG A 109 12.20 8.93 0.77
CA ARG A 109 10.82 8.50 0.75
C ARG A 109 10.00 9.69 1.22
N ARG A 110 9.04 10.12 0.38
CA ARG A 110 8.17 11.30 0.57
C ARG A 110 9.01 12.53 0.92
N GLY A 111 10.05 12.76 0.13
CA GLY A 111 10.93 13.90 0.30
C GLY A 111 11.90 13.89 1.45
N GLN A 112 11.80 12.91 2.38
CA GLN A 112 12.74 12.84 3.50
C GLN A 112 13.70 11.66 3.34
N ILE A 113 14.84 11.73 3.99
CA ILE A 113 15.85 10.67 3.97
C ILE A 113 15.22 9.40 4.50
N CYS A 114 15.38 8.25 3.80
CA CYS A 114 14.90 6.94 4.27
C CYS A 114 15.48 6.74 5.64
N TRP A 115 14.70 6.14 6.54
CA TRP A 115 15.11 5.87 7.91
C TRP A 115 16.49 5.17 8.03
N TYR A 116 16.74 4.11 7.23
CA TYR A 116 18.03 3.40 7.33
C TYR A 116 19.18 4.29 6.89
N GLN A 117 18.93 5.26 5.98
CA GLN A 117 19.92 6.21 5.51
C GLN A 117 20.23 7.28 6.57
N LYS A 118 19.48 7.34 7.69
CA LYS A 118 19.74 8.35 8.73
C LYS A 118 21.05 8.04 9.45
N PRO A 119 21.90 9.07 9.74
CA PRO A 119 23.17 8.78 10.45
C PRO A 119 22.93 8.05 11.78
N GLY A 120 23.61 6.91 11.95
CA GLY A 120 23.52 6.08 13.14
C GLY A 120 22.41 5.04 13.16
N VAL A 121 21.71 4.84 12.02
CA VAL A 121 20.63 3.86 11.90
C VAL A 121 21.17 2.67 11.07
N GLY A 122 21.40 2.87 9.77
CA GLY A 122 21.88 1.83 8.87
C GLY A 122 21.03 0.58 8.92
N LEU A 123 21.67 -0.58 8.90
CA LEU A 123 21.01 -1.89 8.99
C LEU A 123 20.22 -2.18 10.27
N ASP A 124 20.44 -1.39 11.37
CA ASP A 124 19.60 -1.48 12.60
C ASP A 124 18.11 -1.28 12.28
N ALA A 125 17.84 -0.56 11.16
CA ALA A 125 16.47 -0.33 10.68
C ALA A 125 15.77 -1.66 10.39
N ILE A 126 16.53 -2.76 10.17
CA ILE A 126 15.87 -4.07 9.99
C ILE A 126 15.12 -4.42 11.27
N ASN A 127 15.77 -4.17 12.44
CA ASN A 127 15.13 -4.45 13.74
C ASN A 127 14.01 -3.46 13.95
N ASP A 128 14.23 -2.19 13.55
CA ASP A 128 13.24 -1.13 13.64
C ASP A 128 11.97 -1.52 12.86
N ALA A 129 12.13 -2.11 11.66
CA ALA A 129 10.97 -2.49 10.85
C ALA A 129 10.23 -3.65 11.53
N ASN A 130 10.98 -4.59 12.17
CA ASN A 130 10.38 -5.67 12.92
C ASN A 130 9.54 -5.12 14.09
N LEU A 131 10.06 -4.15 14.83
CA LEU A 131 9.35 -3.43 15.89
C LEU A 131 8.08 -2.82 15.39
N LEU A 132 8.07 -2.24 14.19
CA LEU A 132 6.87 -1.61 13.64
C LEU A 132 5.78 -2.68 13.44
N GLU A 133 6.17 -3.82 12.92
CA GLU A 133 5.29 -4.95 12.74
C GLU A 133 4.76 -5.42 14.13
N ALA A 134 5.68 -5.58 15.14
CA ALA A 134 5.30 -6.02 16.49
C ALA A 134 4.22 -5.10 17.09
N CYS A 135 4.32 -3.82 16.85
CA CYS A 135 3.41 -2.78 17.33
C CYS A 135 1.97 -3.02 16.89
N ILE A 136 1.73 -3.64 15.70
CA ILE A 136 0.34 -3.93 15.24
C ILE A 136 -0.35 -4.83 16.28
N TYR A 137 0.31 -5.92 16.67
CA TYR A 137 -0.25 -6.92 17.58
C TYR A 137 -0.31 -6.43 18.99
N ARG A 138 0.61 -5.55 19.36
CA ARG A 138 0.52 -4.94 20.69
C ARG A 138 -0.72 -4.05 20.73
N LEU A 139 -0.98 -3.28 19.64
CA LEU A 139 -2.16 -2.40 19.61
C LEU A 139 -3.46 -3.21 19.61
N LEU A 140 -3.54 -4.27 18.75
CA LEU A 140 -4.70 -5.19 18.69
C LEU A 140 -4.92 -5.79 20.06
N LYS A 141 -3.84 -6.22 20.77
CA LYS A 141 -4.02 -6.75 22.13
C LYS A 141 -4.56 -5.68 23.06
N LEU A 142 -3.93 -4.49 23.10
CA LEU A 142 -4.31 -3.37 23.98
C LEU A 142 -5.74 -2.83 23.82
N TYR A 143 -6.24 -2.78 22.59
CA TYR A 143 -7.54 -2.23 22.26
C TYR A 143 -8.58 -3.24 21.93
N CYS A 144 -8.22 -4.35 21.30
CA CYS A 144 -9.23 -5.29 20.79
C CYS A 144 -9.27 -6.70 21.42
N ARG A 145 -8.49 -6.97 22.50
CA ARG A 145 -8.41 -8.32 23.10
C ARG A 145 -9.78 -8.88 23.50
N GLU A 146 -10.64 -8.04 24.09
CA GLU A 146 -11.95 -8.50 24.57
C GLU A 146 -13.04 -8.47 23.50
N GLN A 147 -12.72 -8.09 22.27
CA GLN A 147 -13.71 -8.01 21.18
C GLN A 147 -13.88 -9.32 20.43
N PRO A 148 -15.09 -9.69 19.96
CA PRO A 148 -15.24 -10.97 19.26
C PRO A 148 -14.49 -11.08 17.94
N TYR A 149 -13.97 -10.00 17.41
CA TYR A 149 -13.25 -10.00 16.14
C TYR A 149 -11.73 -10.03 16.30
N TYR A 150 -11.23 -10.06 17.58
CA TYR A 150 -9.82 -10.01 17.93
C TYR A 150 -8.92 -10.92 17.10
N LEU A 151 -9.15 -12.24 17.16
CA LEU A 151 -8.47 -13.27 16.39
C LEU A 151 -8.64 -13.02 14.89
N ASN A 152 -9.85 -12.67 14.44
CA ASN A 152 -10.07 -12.33 13.02
C ASN A 152 -9.14 -11.23 12.50
N LEU A 153 -8.91 -10.17 13.33
CA LEU A 153 -7.99 -9.08 12.94
C LEU A 153 -6.55 -9.51 12.97
N ILE A 154 -6.16 -10.29 14.00
CA ILE A 154 -4.79 -10.82 14.12
C ILE A 154 -4.51 -11.65 12.87
N GLU A 155 -5.40 -12.59 12.52
CA GLU A 155 -5.20 -13.41 11.34
C GLU A 155 -5.17 -12.61 10.05
N LEU A 156 -6.00 -11.55 9.93
CA LEU A 156 -6.01 -10.73 8.73
C LEU A 156 -4.71 -9.94 8.57
N PHE A 157 -4.19 -9.40 9.68
CA PHE A 157 -2.95 -8.64 9.62
C PHE A 157 -1.76 -9.55 9.28
N LEU A 158 -1.71 -10.73 9.89
CA LEU A 158 -0.69 -11.76 9.64
C LEU A 158 -0.82 -12.25 8.20
N GLN A 159 -2.03 -12.57 7.73
CA GLN A 159 -2.16 -13.01 6.34
C GLN A 159 -1.76 -11.91 5.36
N SER A 160 -2.14 -10.66 5.64
CA SER A 160 -1.79 -9.53 4.78
C SER A 160 -0.29 -9.30 4.74
N SER A 161 0.43 -9.54 5.86
CA SER A 161 1.90 -9.40 5.94
C SER A 161 2.52 -10.49 5.08
N TYR A 162 2.03 -11.73 5.22
CA TYR A 162 2.48 -12.87 4.45
C TYR A 162 2.35 -12.63 2.93
N GLN A 163 1.18 -12.21 2.48
CA GLN A 163 0.85 -11.93 1.07
C GLN A 163 1.73 -10.84 0.53
N THR A 164 1.95 -9.78 1.32
CA THR A 164 2.82 -8.67 0.91
C THR A 164 4.24 -9.20 0.78
N GLU A 165 4.67 -10.01 1.78
CA GLU A 165 6.01 -10.58 1.75
C GLU A 165 6.25 -11.50 0.57
N ILE A 166 5.23 -12.27 0.21
CA ILE A 166 5.30 -13.13 -0.97
C ILE A 166 5.37 -12.25 -2.21
N GLY A 167 4.61 -11.15 -2.21
CA GLY A 167 4.60 -10.17 -3.29
C GLY A 167 5.96 -9.56 -3.52
N GLN A 168 6.64 -9.21 -2.41
CA GLN A 168 7.99 -8.70 -2.42
C GLN A 168 8.99 -9.75 -2.92
N THR A 169 8.78 -11.04 -2.60
CA THR A 169 9.66 -12.11 -3.09
C THR A 169 9.56 -12.14 -4.61
N LEU A 170 8.31 -12.11 -5.12
CA LEU A 170 8.05 -12.17 -6.53
C LEU A 170 8.69 -10.99 -7.27
N ASP A 171 8.54 -9.81 -6.70
CA ASP A 171 9.09 -8.56 -7.23
C ASP A 171 10.63 -8.64 -7.32
N LEU A 172 11.28 -8.99 -6.18
CA LEU A 172 12.74 -9.15 -6.05
C LEU A 172 13.26 -10.21 -7.04
N LEU A 173 12.44 -11.24 -7.30
CA LEU A 173 12.78 -12.30 -8.25
C LEU A 173 12.65 -11.86 -9.71
N THR A 174 11.70 -10.94 -9.99
CA THR A 174 11.37 -10.46 -11.33
C THR A 174 12.36 -9.42 -11.83
N ALA A 175 12.78 -8.52 -10.94
CA ALA A 175 13.72 -7.45 -11.26
C ALA A 175 14.87 -7.40 -10.28
N PRO A 176 15.83 -8.36 -10.32
CA PRO A 176 16.96 -8.29 -9.38
C PRO A 176 17.85 -7.08 -9.64
N GLN A 177 18.57 -6.61 -8.60
CA GLN A 177 19.52 -5.49 -8.71
C GLN A 177 20.72 -6.02 -9.50
N GLY A 178 21.00 -5.39 -10.63
CA GLY A 178 22.07 -5.77 -11.55
C GLY A 178 21.65 -6.89 -12.48
N ASN A 179 20.35 -6.91 -12.87
CA ASN A 179 19.77 -7.91 -13.77
C ASN A 179 18.63 -7.39 -14.66
N VAL A 180 19.00 -7.01 -15.89
CA VAL A 180 18.06 -6.49 -16.88
C VAL A 180 17.59 -7.63 -17.81
N ASP A 181 16.54 -8.35 -17.37
CA ASP A 181 15.93 -9.43 -18.14
C ASP A 181 14.43 -9.19 -18.29
N LEU A 182 14.05 -8.72 -19.47
CA LEU A 182 12.68 -8.36 -19.85
C LEU A 182 11.82 -9.57 -20.23
N VAL A 183 12.43 -10.77 -20.26
CA VAL A 183 11.78 -12.05 -20.55
C VAL A 183 10.73 -12.36 -19.43
N ARG A 184 11.08 -12.03 -18.18
CA ARG A 184 10.21 -12.23 -17.01
C ARG A 184 9.25 -11.06 -16.69
N PHE A 185 9.15 -10.05 -17.59
CA PHE A 185 8.25 -8.91 -17.38
C PHE A 185 6.93 -9.16 -18.11
N THR A 186 6.28 -10.30 -17.80
CA THR A 186 5.02 -10.72 -18.43
C THR A 186 3.81 -10.05 -17.77
N GLU A 187 2.65 -10.09 -18.45
CA GLU A 187 1.39 -9.55 -17.91
C GLU A 187 1.04 -10.32 -16.64
N LYS A 188 1.01 -11.67 -16.74
CA LYS A 188 0.66 -12.58 -15.66
C LYS A 188 1.51 -12.35 -14.40
N ARG A 189 2.81 -12.08 -14.58
CA ARG A 189 3.75 -11.84 -13.48
C ARG A 189 3.46 -10.49 -12.86
N TYR A 190 3.23 -9.47 -13.70
CA TYR A 190 2.94 -8.12 -13.23
C TYR A 190 1.72 -8.14 -12.28
N LYS A 191 0.60 -8.71 -12.77
CA LYS A 191 -0.69 -8.85 -12.07
C LYS A 191 -0.54 -9.54 -10.71
N SER A 192 0.29 -10.57 -10.63
CA SER A 192 0.60 -11.30 -9.39
C SER A 192 1.38 -10.43 -8.39
N ILE A 193 2.39 -9.69 -8.86
CA ILE A 193 3.18 -8.79 -8.00
C ILE A 193 2.26 -7.77 -7.32
N VAL A 194 1.47 -7.06 -8.14
CA VAL A 194 0.50 -6.06 -7.69
C VAL A 194 -0.47 -6.69 -6.69
N LYS A 195 -0.99 -7.87 -7.04
CA LYS A 195 -1.93 -8.57 -6.20
C LYS A 195 -1.33 -8.83 -4.84
N TYR A 196 -0.19 -9.52 -4.80
CA TYR A 196 0.40 -9.91 -3.54
C TYR A 196 1.08 -8.78 -2.78
N LYS A 197 1.94 -8.01 -3.47
CA LYS A 197 2.74 -6.94 -2.86
C LYS A 197 2.00 -5.70 -2.43
N THR A 198 1.00 -5.27 -3.23
CA THR A 198 0.25 -4.04 -2.96
C THR A 198 -1.22 -4.23 -2.68
N ALA A 199 -1.98 -4.83 -3.62
CA ALA A 199 -3.44 -4.95 -3.55
C ALA A 199 -4.02 -5.44 -2.26
N PHE A 200 -3.51 -6.59 -1.70
CA PHE A 200 -4.10 -7.12 -0.47
C PHE A 200 -4.02 -6.16 0.69
N TYR A 201 -2.82 -5.67 1.03
CA TYR A 201 -2.69 -4.80 2.18
C TYR A 201 -3.27 -3.42 1.99
N SER A 202 -3.28 -2.93 0.76
CA SER A 202 -3.69 -1.56 0.48
C SER A 202 -5.16 -1.41 0.33
N PHE A 203 -5.81 -2.41 -0.25
CA PHE A 203 -7.22 -2.33 -0.54
C PHE A 203 -8.05 -3.36 0.19
N TYR A 204 -7.66 -4.61 0.12
CA TYR A 204 -8.44 -5.60 0.84
C TYR A 204 -8.35 -5.40 2.36
N LEU A 205 -7.14 -5.37 2.95
CA LEU A 205 -6.97 -5.22 4.41
C LEU A 205 -7.80 -4.12 5.10
N PRO A 206 -7.80 -2.84 4.62
CA PRO A 206 -8.55 -1.79 5.33
C PRO A 206 -10.06 -2.03 5.49
N ILE A 207 -10.74 -2.41 4.38
CA ILE A 207 -12.16 -2.74 4.33
C ILE A 207 -12.41 -3.97 5.10
N ALA A 208 -11.57 -5.03 4.90
CA ALA A 208 -11.75 -6.29 5.62
C ALA A 208 -11.66 -6.05 7.14
N ALA A 209 -10.75 -5.17 7.60
CA ALA A 209 -10.61 -4.89 9.05
C ALA A 209 -11.87 -4.24 9.59
N ALA A 210 -12.38 -3.19 8.88
CA ALA A 210 -13.63 -2.54 9.23
C ALA A 210 -14.78 -3.54 9.21
N MET A 211 -14.85 -4.39 8.17
CA MET A 211 -15.86 -5.45 8.06
C MET A 211 -15.88 -6.35 9.30
N TYR A 212 -14.71 -6.85 9.76
CA TYR A 212 -14.65 -7.70 10.97
C TYR A 212 -15.09 -6.94 12.21
N MET A 213 -14.68 -5.67 12.32
CA MET A 213 -15.04 -4.79 13.43
C MET A 213 -16.55 -4.58 13.49
N ALA A 214 -17.21 -4.66 12.31
CA ALA A 214 -18.66 -4.52 12.12
C ALA A 214 -19.39 -5.85 12.34
N GLY A 215 -18.63 -6.93 12.58
CA GLY A 215 -19.23 -8.23 12.77
C GLY A 215 -19.53 -8.90 11.44
N ILE A 216 -18.99 -8.36 10.35
CA ILE A 216 -19.19 -8.95 9.03
C ILE A 216 -18.00 -9.90 8.89
N ASP A 217 -18.17 -11.11 9.40
CA ASP A 217 -17.07 -12.06 9.40
C ASP A 217 -17.23 -13.24 8.43
N GLY A 218 -18.30 -13.18 7.63
CA GLY A 218 -18.65 -14.19 6.65
C GLY A 218 -17.57 -14.37 5.59
N GLU A 219 -17.30 -15.62 5.26
CA GLU A 219 -16.27 -15.97 4.28
C GLU A 219 -16.64 -15.47 2.87
N LYS A 220 -17.93 -15.58 2.50
CA LYS A 220 -18.42 -15.16 1.19
C LYS A 220 -18.41 -13.65 1.08
N GLU A 221 -18.80 -12.97 2.18
CA GLU A 221 -18.81 -11.50 2.28
C GLU A 221 -17.39 -10.97 2.08
N HIS A 222 -16.41 -11.63 2.71
CA HIS A 222 -15.01 -11.24 2.56
C HIS A 222 -14.48 -11.55 1.17
N ALA A 223 -14.86 -12.70 0.60
CA ALA A 223 -14.48 -13.12 -0.75
C ALA A 223 -15.01 -12.14 -1.80
N ASN A 224 -16.25 -11.64 -1.57
CA ASN A 224 -16.93 -10.68 -2.44
C ASN A 224 -16.28 -9.32 -2.39
N ALA A 225 -15.94 -8.83 -1.18
CA ALA A 225 -15.27 -7.53 -1.02
C ALA A 225 -13.86 -7.57 -1.64
N LYS A 226 -13.13 -8.71 -1.41
CA LYS A 226 -11.79 -9.00 -1.92
C LYS A 226 -11.80 -8.93 -3.45
N LYS A 227 -12.80 -9.59 -4.08
CA LYS A 227 -12.98 -9.59 -5.54
C LYS A 227 -13.00 -8.15 -6.03
N ILE A 228 -13.81 -7.27 -5.38
CA ILE A 228 -13.88 -5.85 -5.74
C ILE A 228 -12.51 -5.14 -5.52
N LEU A 229 -12.01 -5.23 -4.28
CA LEU A 229 -10.83 -4.52 -3.78
C LEU A 229 -9.50 -4.86 -4.46
N LEU A 230 -9.29 -6.13 -4.83
CA LEU A 230 -8.08 -6.54 -5.54
C LEU A 230 -8.08 -5.95 -6.92
N GLU A 231 -9.27 -5.74 -7.54
CA GLU A 231 -9.35 -5.10 -8.85
C GLU A 231 -9.02 -3.61 -8.70
N MET A 232 -9.47 -3.01 -7.60
CA MET A 232 -9.17 -1.61 -7.28
C MET A 232 -7.69 -1.43 -7.08
N GLY A 233 -7.07 -2.40 -6.42
CA GLY A 233 -5.64 -2.43 -6.19
C GLY A 233 -4.83 -2.54 -7.46
N GLU A 234 -5.33 -3.37 -8.42
CA GLU A 234 -4.67 -3.58 -9.71
C GLU A 234 -4.74 -2.29 -10.55
N PHE A 235 -5.91 -1.61 -10.59
CA PHE A 235 -6.04 -0.35 -11.32
C PHE A 235 -5.13 0.70 -10.70
N PHE A 236 -5.16 0.82 -9.34
CA PHE A 236 -4.35 1.80 -8.63
C PHE A 236 -2.86 1.72 -9.00
N GLN A 237 -2.30 0.50 -9.05
CA GLN A 237 -0.87 0.31 -9.38
C GLN A 237 -0.61 0.54 -10.87
N ILE A 238 -1.54 0.11 -11.75
CA ILE A 238 -1.41 0.38 -13.19
C ILE A 238 -1.44 1.89 -13.42
N GLN A 239 -2.36 2.63 -12.73
CA GLN A 239 -2.45 4.08 -12.85
C GLN A 239 -1.17 4.78 -12.32
N ASP A 240 -0.66 4.30 -11.18
CA ASP A 240 0.58 4.79 -10.55
C ASP A 240 1.80 4.69 -11.51
N ASP A 241 2.03 3.48 -12.11
CA ASP A 241 3.10 3.24 -13.08
C ASP A 241 2.91 4.17 -14.26
N TYR A 242 1.65 4.35 -14.74
CA TYR A 242 1.41 5.23 -15.86
C TYR A 242 1.76 6.67 -15.51
N LEU A 243 1.27 7.17 -14.38
CA LEU A 243 1.53 8.54 -13.91
C LEU A 243 3.00 8.80 -13.57
N ASP A 244 3.74 7.73 -13.21
CA ASP A 244 5.16 7.79 -12.87
C ASP A 244 5.90 8.43 -14.05
N LEU A 245 5.63 7.95 -15.26
CA LEU A 245 6.23 8.50 -16.46
C LEU A 245 5.39 9.61 -17.07
N PHE A 246 4.18 9.28 -17.53
CA PHE A 246 3.33 10.22 -18.23
C PHE A 246 2.57 11.24 -17.39
N GLY A 247 2.60 11.11 -16.08
CA GLY A 247 1.93 12.07 -15.21
C GLY A 247 2.72 13.36 -15.07
N ASP A 248 2.04 14.40 -14.59
CA ASP A 248 2.69 15.67 -14.34
C ASP A 248 3.23 15.64 -12.91
N PRO A 249 4.54 15.89 -12.70
CA PRO A 249 5.08 15.84 -11.33
C PRO A 249 4.47 16.87 -10.38
N SER A 250 4.02 18.04 -10.90
CA SER A 250 3.39 19.10 -10.10
C SER A 250 2.02 18.69 -9.50
N VAL A 251 1.35 17.70 -10.11
CA VAL A 251 0.04 17.21 -9.67
C VAL A 251 0.22 15.92 -8.84
N THR A 252 1.09 15.00 -9.31
CA THR A 252 1.39 13.72 -8.67
C THR A 252 2.29 13.89 -7.44
N GLY A 253 3.09 14.96 -7.43
CA GLY A 253 4.05 15.24 -6.35
C GLY A 253 5.22 14.29 -6.33
N LYS A 254 5.50 13.64 -7.49
CA LYS A 254 6.60 12.70 -7.68
C LYS A 254 7.17 12.72 -9.09
N ILE A 255 8.49 12.53 -9.19
CA ILE A 255 9.19 12.46 -10.47
C ILE A 255 9.53 10.98 -10.68
N GLY A 256 9.06 10.47 -11.81
CA GLY A 256 9.21 9.08 -12.20
C GLY A 256 10.60 8.58 -12.46
N THR A 257 10.94 7.47 -11.79
CA THR A 257 12.23 6.79 -11.90
C THR A 257 12.07 5.30 -12.24
N ASP A 258 10.84 4.85 -12.58
CA ASP A 258 10.56 3.45 -12.94
C ASP A 258 11.51 2.90 -14.04
N ILE A 259 11.76 3.68 -15.10
CA ILE A 259 12.64 3.27 -16.20
C ILE A 259 14.08 3.04 -15.68
N GLN A 260 14.65 4.02 -14.94
CA GLN A 260 15.99 4.01 -14.32
C GLN A 260 16.19 2.83 -13.34
N ASP A 261 15.11 2.39 -12.68
CA ASP A 261 15.18 1.33 -11.67
C ASP A 261 14.82 -0.10 -12.14
N ASN A 262 14.67 -0.33 -13.48
CA ASN A 262 14.32 -1.64 -14.10
C ASN A 262 13.04 -2.22 -13.48
N LYS A 263 12.08 -1.34 -13.09
CA LYS A 263 10.84 -1.79 -12.45
C LYS A 263 9.98 -2.54 -13.42
N CYS A 264 9.26 -3.54 -12.92
CA CYS A 264 8.30 -4.30 -13.71
C CYS A 264 7.01 -3.49 -13.65
N SER A 265 6.96 -2.46 -14.47
CA SER A 265 5.88 -1.50 -14.64
C SER A 265 4.93 -2.03 -15.68
N TRP A 266 3.66 -1.58 -15.58
CA TRP A 266 2.62 -1.91 -16.55
C TRP A 266 3.07 -1.38 -17.92
N LEU A 267 3.73 -0.20 -17.93
CA LEU A 267 4.20 0.40 -19.16
C LEU A 267 5.21 -0.50 -19.88
N VAL A 268 6.17 -1.09 -19.14
CA VAL A 268 7.18 -1.98 -19.75
C VAL A 268 6.51 -3.26 -20.27
N VAL A 269 5.55 -3.82 -19.50
CA VAL A 269 4.77 -5.01 -19.83
C VAL A 269 4.03 -4.81 -21.17
N GLN A 270 3.37 -3.65 -21.32
CA GLN A 270 2.63 -3.31 -22.52
C GLN A 270 3.55 -3.06 -23.68
N CYS A 271 4.69 -2.36 -23.44
CA CYS A 271 5.69 -2.08 -24.46
C CYS A 271 6.17 -3.40 -25.03
N LEU A 272 6.57 -4.35 -24.14
CA LEU A 272 7.07 -5.70 -24.47
C LEU A 272 6.06 -6.56 -25.23
N GLN A 273 4.76 -6.41 -24.92
CA GLN A 273 3.67 -7.12 -25.59
C GLN A 273 3.51 -6.65 -27.04
N ARG A 274 3.78 -5.35 -27.30
CA ARG A 274 3.59 -4.70 -28.59
C ARG A 274 4.83 -4.60 -29.48
N ALA A 275 5.99 -4.25 -28.88
CA ALA A 275 7.29 -4.05 -29.53
C ALA A 275 7.72 -5.10 -30.55
N THR A 276 8.24 -4.65 -31.71
CA THR A 276 8.80 -5.51 -32.76
C THR A 276 10.16 -6.02 -32.24
N PRO A 277 10.89 -6.97 -32.91
CA PRO A 277 12.17 -7.43 -32.34
C PRO A 277 13.23 -6.33 -32.22
N GLU A 278 13.21 -5.36 -33.18
CA GLU A 278 14.12 -4.20 -33.20
C GLU A 278 13.81 -3.25 -32.04
N GLN A 279 12.50 -3.02 -31.77
CA GLN A 279 12.02 -2.19 -30.65
C GLN A 279 12.35 -2.83 -29.29
N TYR A 280 12.38 -4.20 -29.23
CA TYR A 280 12.74 -5.01 -28.06
C TYR A 280 14.21 -4.72 -27.71
N GLN A 281 15.08 -4.62 -28.75
CA GLN A 281 16.50 -4.31 -28.60
C GLN A 281 16.69 -2.88 -28.09
N ILE A 282 15.99 -1.89 -28.71
CA ILE A 282 15.97 -0.47 -28.32
C ILE A 282 15.66 -0.34 -26.80
N LEU A 283 14.71 -1.16 -26.31
CA LEU A 283 14.31 -1.19 -24.92
C LEU A 283 15.36 -1.87 -24.06
N LYS A 284 15.92 -3.00 -24.55
CA LYS A 284 16.95 -3.78 -23.86
C LYS A 284 18.17 -2.92 -23.49
N GLU A 285 18.58 -2.04 -24.43
CA GLU A 285 19.75 -1.16 -24.34
C GLU A 285 19.59 0.07 -23.44
N ASN A 286 18.35 0.58 -23.31
CA ASN A 286 18.03 1.80 -22.58
C ASN A 286 17.27 1.64 -21.24
N TYR A 287 16.64 0.47 -21.00
CA TYR A 287 15.88 0.22 -19.78
C TYR A 287 16.76 -0.13 -18.58
N GLY A 288 16.71 0.72 -17.55
CA GLY A 288 17.47 0.56 -16.31
C GLY A 288 18.66 1.48 -16.17
N GLN A 289 18.89 2.39 -17.14
CA GLN A 289 20.02 3.32 -17.12
C GLN A 289 19.65 4.66 -16.50
N LYS A 290 20.60 5.24 -15.73
CA LYS A 290 20.44 6.53 -15.03
C LYS A 290 20.46 7.76 -15.95
N GLU A 291 21.06 7.67 -17.15
CA GLU A 291 21.20 8.77 -18.12
C GLU A 291 19.87 9.27 -18.69
N ALA A 292 19.65 10.61 -18.65
CA ALA A 292 18.45 11.32 -19.10
C ALA A 292 18.21 11.27 -20.60
N GLU A 293 19.25 10.95 -21.36
CA GLU A 293 19.25 10.81 -22.82
C GLU A 293 18.58 9.46 -23.17
N LYS A 294 18.84 8.43 -22.35
CA LYS A 294 18.34 7.05 -22.48
C LYS A 294 16.93 6.93 -21.88
N VAL A 295 16.63 7.74 -20.83
CA VAL A 295 15.33 7.83 -20.13
C VAL A 295 14.30 8.43 -21.12
N ALA A 296 14.75 9.44 -21.89
CA ALA A 296 13.96 10.14 -22.91
C ALA A 296 13.62 9.21 -24.09
N ARG A 297 14.51 8.25 -24.37
CA ARG A 297 14.40 7.29 -25.47
C ARG A 297 13.36 6.21 -25.21
N VAL A 298 13.28 5.70 -23.96
CA VAL A 298 12.29 4.68 -23.56
C VAL A 298 10.94 5.32 -23.63
N LYS A 299 10.78 6.55 -23.06
CA LYS A 299 9.53 7.32 -23.08
C LYS A 299 9.03 7.48 -24.51
N ALA A 300 9.94 7.87 -25.45
CA ALA A 300 9.65 8.05 -26.87
C ALA A 300 9.20 6.75 -27.54
N LEU A 301 9.73 5.60 -27.10
CA LEU A 301 9.35 4.28 -27.62
C LEU A 301 7.92 3.94 -27.16
N TYR A 302 7.60 4.22 -25.88
CA TYR A 302 6.25 4.00 -25.30
C TYR A 302 5.23 4.85 -26.06
N GLU A 303 5.54 6.15 -26.24
CA GLU A 303 4.69 7.10 -26.97
C GLU A 303 4.49 6.65 -28.42
N GLU A 304 5.53 6.04 -29.05
CA GLU A 304 5.47 5.52 -30.42
C GLU A 304 4.50 4.32 -30.47
N LEU A 305 4.64 3.41 -29.47
CA LEU A 305 3.81 2.21 -29.33
C LEU A 305 2.42 2.52 -28.83
N ASP A 306 2.07 3.84 -28.73
CA ASP A 306 0.75 4.35 -28.31
C ASP A 306 0.26 3.88 -26.92
N LEU A 307 1.20 3.69 -25.98
CA LEU A 307 0.86 3.28 -24.62
C LEU A 307 -0.04 4.30 -23.86
N PRO A 308 0.12 5.65 -23.98
CA PRO A 308 -0.85 6.56 -23.32
C PRO A 308 -2.30 6.31 -23.78
N ALA A 309 -2.46 5.86 -25.04
CA ALA A 309 -3.77 5.51 -25.63
C ALA A 309 -4.21 4.15 -25.09
N VAL A 310 -3.27 3.17 -24.96
CA VAL A 310 -3.53 1.84 -24.40
C VAL A 310 -4.00 2.04 -22.95
N PHE A 311 -3.39 3.02 -22.23
CA PHE A 311 -3.77 3.33 -20.85
C PHE A 311 -5.16 3.95 -20.80
N LEU A 312 -5.47 4.84 -21.74
CA LEU A 312 -6.77 5.49 -21.81
C LEU A 312 -7.85 4.44 -21.97
N GLN A 313 -7.66 3.48 -22.91
CA GLN A 313 -8.61 2.38 -23.16
C GLN A 313 -8.67 1.48 -21.91
N TYR A 314 -7.51 1.19 -21.28
CA TYR A 314 -7.46 0.40 -20.06
C TYR A 314 -8.30 1.09 -18.97
N GLU A 315 -8.18 2.42 -18.82
CA GLU A 315 -8.91 3.23 -17.84
C GLU A 315 -10.41 3.09 -17.99
N GLU A 316 -10.89 3.13 -19.25
CA GLU A 316 -12.31 3.02 -19.58
C GLU A 316 -12.83 1.63 -19.29
N ASP A 317 -12.11 0.59 -19.77
CA ASP A 317 -12.46 -0.81 -19.54
C ASP A 317 -12.48 -1.12 -18.03
N SER A 318 -11.47 -0.59 -17.30
CA SER A 318 -11.29 -0.74 -15.86
C SER A 318 -12.46 -0.12 -15.10
N TYR A 319 -12.89 1.06 -15.53
CA TYR A 319 -14.00 1.72 -14.88
C TYR A 319 -15.29 0.89 -15.02
N SER A 320 -15.58 0.34 -16.22
CA SER A 320 -16.75 -0.51 -16.47
C SER A 320 -16.65 -1.76 -15.62
N HIS A 321 -15.42 -2.36 -15.53
CA HIS A 321 -15.17 -3.57 -14.74
C HIS A 321 -15.48 -3.34 -13.26
N ILE A 322 -14.87 -2.32 -12.63
CA ILE A 322 -15.08 -2.00 -11.22
C ILE A 322 -16.54 -1.69 -10.90
N MET A 323 -17.28 -1.09 -11.84
CA MET A 323 -18.71 -0.80 -11.65
C MET A 323 -19.53 -2.11 -11.71
N ALA A 324 -19.15 -3.03 -12.64
CA ALA A 324 -19.75 -4.36 -12.82
C ALA A 324 -19.48 -5.15 -11.59
N LEU A 325 -18.27 -5.01 -11.03
CA LEU A 325 -17.88 -5.71 -9.80
C LEU A 325 -18.67 -5.16 -8.63
N ILE A 326 -18.71 -3.81 -8.48
CA ILE A 326 -19.50 -3.21 -7.40
C ILE A 326 -20.94 -3.68 -7.41
N GLU A 327 -21.61 -3.63 -8.57
CA GLU A 327 -23.01 -4.03 -8.74
C GLU A 327 -23.24 -5.50 -8.35
N GLN A 328 -22.34 -6.38 -8.82
CA GLN A 328 -22.43 -7.81 -8.59
C GLN A 328 -22.02 -8.26 -7.20
N TYR A 329 -20.99 -7.64 -6.60
CA TYR A 329 -20.42 -8.10 -5.32
C TYR A 329 -20.56 -7.25 -4.05
N ALA A 330 -20.99 -5.98 -4.14
CA ALA A 330 -21.09 -5.13 -2.93
C ALA A 330 -22.03 -5.71 -1.90
N ALA A 331 -23.24 -6.13 -2.33
CA ALA A 331 -24.30 -6.67 -1.47
C ALA A 331 -23.80 -7.79 -0.58
N PRO A 332 -24.12 -7.75 0.74
CA PRO A 332 -25.02 -6.82 1.44
C PRO A 332 -24.34 -5.55 1.98
N LEU A 333 -23.07 -5.25 1.61
CA LEU A 333 -22.40 -4.04 2.12
C LEU A 333 -22.94 -2.82 1.37
N PRO A 334 -23.02 -1.61 1.98
CA PRO A 334 -23.51 -0.46 1.20
C PRO A 334 -22.52 -0.17 0.07
N PRO A 335 -23.02 -0.04 -1.18
CA PRO A 335 -22.08 0.24 -2.28
C PRO A 335 -21.18 1.44 -1.99
N ALA A 336 -21.60 2.40 -1.12
CA ALA A 336 -20.81 3.59 -0.77
C ALA A 336 -19.44 3.25 -0.13
N VAL A 337 -19.31 2.05 0.48
CA VAL A 337 -18.03 1.59 1.05
C VAL A 337 -17.03 1.52 -0.07
N PHE A 338 -17.45 0.92 -1.19
CA PHE A 338 -16.60 0.71 -2.36
C PHE A 338 -16.56 1.91 -3.26
N LEU A 339 -17.68 2.62 -3.41
CA LEU A 339 -17.73 3.78 -4.31
C LEU A 339 -16.88 4.96 -3.85
N GLY A 340 -16.89 5.23 -2.54
CA GLY A 340 -16.13 6.31 -1.92
C GLY A 340 -14.64 6.09 -2.09
N LEU A 341 -14.24 4.83 -2.03
CA LEU A 341 -12.87 4.43 -2.22
C LEU A 341 -12.52 4.50 -3.70
N ALA A 342 -13.38 3.95 -4.61
CA ALA A 342 -13.14 4.01 -6.06
C ALA A 342 -12.94 5.47 -6.53
N ARG A 343 -13.80 6.40 -6.04
CA ARG A 343 -13.76 7.83 -6.39
C ARG A 343 -12.40 8.41 -6.03
N LYS A 344 -11.86 8.02 -4.88
CA LYS A 344 -10.56 8.49 -4.42
C LYS A 344 -9.40 7.92 -5.28
N ILE A 345 -9.60 6.71 -5.83
CA ILE A 345 -8.62 5.98 -6.65
C ILE A 345 -8.72 6.35 -8.14
N TYR A 346 -9.89 6.19 -8.75
CA TYR A 346 -10.12 6.46 -10.17
C TYR A 346 -10.25 7.99 -10.30
N LYS A 347 -9.17 8.65 -10.75
CA LYS A 347 -9.07 10.11 -10.92
C LYS A 347 -9.48 10.89 -9.67
C1 59Y B . -4.89 7.29 -2.80
C2 59Y B . -5.33 7.68 -4.09
C3 59Y B . -4.46 8.33 -4.97
C11 59Y B . -1.34 8.40 -2.93
C12 59Y B . -0.90 8.00 -1.66
C13 59Y B . -1.81 7.39 -0.76
C15 59Y B . -1.34 6.96 0.61
C16 59Y B . -6.72 4.81 -0.51
C17 59Y B . -5.74 5.31 -1.40
C18 59Y B . -4.69 4.43 -1.80
C19 59Y B . -4.60 3.12 -1.32
C20 59Y B . -5.60 2.64 -0.47
C21 59Y B . -6.64 3.48 -0.03
C4 59Y B . -3.14 8.57 -4.58
C5 59Y B . -5.85 6.66 -1.86
C6 59Y B . -7.79 5.64 -0.09
C7 59Y B . -6.93 7.48 -1.43
C8 59Y B . -7.90 6.97 -0.55
C9 59Y B . -3.54 7.54 -2.40
C10 59Y B . -2.67 8.19 -3.31
N14 59Y B . -3.09 7.19 -1.15
O22 59Y B . -2.08 7.27 1.67
O23 59Y B . -0.28 6.35 0.75
#